data_2I7R
#
_entry.id   2I7R
#
_cell.length_a   97.624
_cell.length_b   97.624
_cell.length_c   55.151
_cell.angle_alpha   90.000
_cell.angle_beta   90.000
_cell.angle_gamma   120.000
#
_symmetry.space_group_name_H-M   'P 65'
#
loop_
_entity.id
_entity.type
_entity.pdbx_description
1 polymer 'Conserved domain protein'
2 water water
#
_entity_poly.entity_id   1
_entity_poly.type   'polypeptide(L)'
_entity_poly.pdbx_seq_one_letter_code
;SNA(MSE)NLNQLDIIVSNVPQVCADLEHILDKKADYANDGFAQFTIGSHCL(MSE)LSQNHLVPLENFQSGIIIHIEVE
DVDQNYKRLNELGIKVLHGPTVTDWGTESLLVQGPAGLVLDFYR(MSE)K
;
_entity_poly.pdbx_strand_id   A,B
#
# COMPACT_ATOMS: atom_id res chain seq x y z
N MSE A 4 -10.23 7.81 -10.62
CA MSE A 4 -9.55 6.74 -9.82
C MSE A 4 -8.93 7.27 -8.52
O MSE A 4 -8.32 8.34 -8.49
CB MSE A 4 -8.44 6.06 -10.62
CG MSE A 4 -8.83 4.99 -11.61
SE MSE A 4 -7.19 4.23 -12.46
CE MSE A 4 -6.10 5.88 -12.46
N ASN A 5 -9.05 6.48 -7.45
CA ASN A 5 -8.58 6.89 -6.11
C ASN A 5 -8.12 5.69 -5.28
N LEU A 6 -6.80 5.56 -5.16
CA LEU A 6 -6.17 4.56 -4.30
C LEU A 6 -6.45 4.92 -2.85
N ASN A 7 -7.26 4.09 -2.21
CA ASN A 7 -8.14 4.39 -1.06
C ASN A 7 -7.82 3.49 0.13
N GLN A 8 -7.44 2.26 -0.19
CA GLN A 8 -7.34 1.19 0.79
C GLN A 8 -6.22 0.23 0.40
N LEU A 9 -5.45 -0.19 1.39
CA LEU A 9 -4.41 -1.15 1.18
C LEU A 9 -4.64 -2.26 2.19
N ASP A 10 -4.69 -3.50 1.71
CA ASP A 10 -4.77 -4.63 2.64
C ASP A 10 -3.41 -5.31 2.74
N ILE A 11 -3.07 -5.72 3.94
CA ILE A 11 -1.90 -6.56 4.20
C ILE A 11 -2.42 -7.91 4.71
N ILE A 12 -2.02 -8.99 4.04
CA ILE A 12 -2.45 -10.34 4.42
C ILE A 12 -1.41 -10.90 5.40
N VAL A 13 -1.88 -11.26 6.60
CA VAL A 13 -1.05 -11.73 7.70
C VAL A 13 -1.75 -12.87 8.46
N SER A 14 -1.01 -13.78 9.09
CA SER A 14 -1.64 -14.89 9.82
C SER A 14 -2.14 -14.53 11.23
N ASN A 15 -1.56 -13.49 11.82
CA ASN A 15 -1.90 -13.16 13.20
C ASN A 15 -2.33 -11.72 13.35
N VAL A 16 -3.53 -11.45 12.86
CA VAL A 16 -4.09 -10.12 12.87
C VAL A 16 -4.08 -9.44 14.25
N PRO A 17 -4.55 -10.14 15.34
CA PRO A 17 -4.52 -9.42 16.61
C PRO A 17 -3.14 -8.88 17.02
N GLN A 18 -2.07 -9.66 16.83
CA GLN A 18 -0.74 -9.18 17.22
C GLN A 18 -0.21 -8.08 16.28
N VAL A 19 -0.37 -8.31 14.97
CA VAL A 19 0.06 -7.32 14.00
C VAL A 19 -0.72 -6.02 14.25
N CYS A 20 -2.01 -6.16 14.58
CA CYS A 20 -2.90 -5.01 14.85
C CYS A 20 -2.40 -4.25 16.06
N ALA A 21 -2.20 -4.98 17.17
CA ALA A 21 -1.72 -4.39 18.43
C ALA A 21 -0.40 -3.63 18.23
N ASP A 22 0.52 -4.25 17.48
CA ASP A 22 1.82 -3.62 17.17
C ASP A 22 1.68 -2.33 16.35
N LEU A 23 0.86 -2.40 15.31
CA LEU A 23 0.55 -1.25 14.45
C LEU A 23 -0.08 -0.08 15.22
N GLU A 24 -0.98 -0.38 16.17
CA GLU A 24 -1.53 0.67 17.06
C GLU A 24 -0.48 1.44 17.88
N HIS A 25 0.52 0.74 18.44
CA HIS A 25 1.59 1.43 19.17
C HIS A 25 2.42 2.26 18.20
N ILE A 26 2.75 1.70 17.04
CA ILE A 26 3.55 2.44 16.09
C ILE A 26 2.84 3.70 15.56
N LEU A 27 1.54 3.57 15.27
CA LEU A 27 0.79 4.64 14.68
C LEU A 27 0.23 5.57 15.75
N ASP A 28 0.25 5.08 16.99
CA ASP A 28 -0.30 5.81 18.13
C ASP A 28 -1.78 6.09 17.91
N LYS A 29 -2.48 5.14 17.29
CA LYS A 29 -3.95 5.21 17.25
C LYS A 29 -4.49 3.82 17.18
N LYS A 30 -5.68 3.65 17.75
CA LYS A 30 -6.33 2.35 17.76
C LYS A 30 -6.89 2.05 16.38
N ALA A 31 -7.05 0.76 16.09
CA ALA A 31 -7.85 0.31 14.96
C ALA A 31 -9.27 0.87 15.09
N ASP A 32 -9.86 1.30 13.99
CA ASP A 32 -11.31 1.64 13.99
C ASP A 32 -12.13 0.44 14.37
N TYR A 33 -11.71 -0.75 13.97
CA TYR A 33 -12.42 -1.98 14.23
C TYR A 33 -11.51 -3.16 14.00
N ALA A 34 -11.63 -4.20 14.81
CA ALA A 34 -10.75 -5.37 14.72
C ALA A 34 -11.45 -6.64 15.14
N ASN A 35 -11.06 -7.75 14.52
CA ASN A 35 -11.57 -9.12 14.65
C ASN A 35 -10.41 -10.06 14.82
N ASP A 36 -10.68 -11.32 15.16
CA ASP A 36 -9.61 -12.30 15.14
C ASP A 36 -8.89 -12.33 13.79
N GLY A 37 -9.58 -11.95 12.71
CA GLY A 37 -9.05 -12.06 11.36
C GLY A 37 -9.05 -10.81 10.49
N PHE A 38 -9.39 -9.66 11.05
CA PHE A 38 -9.48 -8.43 10.29
C PHE A 38 -9.28 -7.27 11.24
N ALA A 39 -8.60 -6.21 10.78
CA ALA A 39 -8.49 -4.92 11.49
C ALA A 39 -8.47 -3.78 10.48
N GLN A 40 -9.06 -2.66 10.85
CA GLN A 40 -9.15 -1.53 9.94
C GLN A 40 -8.59 -0.33 10.62
N PHE A 41 -7.66 0.34 9.95
CA PHE A 41 -7.15 1.60 10.41
C PHE A 41 -7.53 2.65 9.39
N THR A 42 -7.87 3.83 9.89
CA THR A 42 -7.98 5.02 9.05
C THR A 42 -6.74 5.88 9.34
N ILE A 43 -6.03 6.26 8.29
CA ILE A 43 -4.87 7.12 8.42
C ILE A 43 -5.03 8.30 7.49
N GLY A 44 -5.69 9.34 7.99
CA GLY A 44 -6.02 10.52 7.20
C GLY A 44 -7.07 10.13 6.18
N SER A 45 -6.68 10.18 4.92
CA SER A 45 -7.55 9.97 3.75
C SER A 45 -7.42 8.56 3.20
N HIS A 46 -6.77 7.66 3.92
CA HIS A 46 -6.45 6.33 3.37
C HIS A 46 -6.75 5.31 4.46
N CYS A 47 -7.27 4.14 4.09
CA CYS A 47 -7.47 3.05 5.05
C CYS A 47 -6.43 1.97 4.85
N LEU A 48 -6.07 1.32 5.94
CA LEU A 48 -5.14 0.20 5.89
C LEU A 48 -5.82 -0.96 6.62
N MSE A 49 -6.10 -2.05 5.92
CA MSE A 49 -6.64 -3.25 6.54
C MSE A 49 -5.56 -4.33 6.80
O MSE A 49 -4.59 -4.49 6.03
CB MSE A 49 -7.74 -3.88 5.67
CG MSE A 49 -9.12 -3.20 5.74
SE MSE A 49 -9.16 -1.25 5.68
CE MSE A 49 -11.14 -1.09 5.22
N LEU A 50 -5.76 -5.11 7.85
CA LEU A 50 -5.05 -6.36 8.03
C LEU A 50 -6.07 -7.46 7.84
N SER A 51 -5.72 -8.48 7.07
CA SER A 51 -6.66 -9.56 6.85
C SER A 51 -5.98 -10.91 6.90
N GLN A 52 -6.58 -11.88 7.60
CA GLN A 52 -6.05 -13.23 7.59
C GLN A 52 -6.58 -14.00 6.37
N ASN A 53 -7.81 -13.72 6.00
CA ASN A 53 -8.45 -14.37 4.85
C ASN A 53 -7.78 -14.00 3.54
N HIS A 54 -7.69 -14.98 2.65
CA HIS A 54 -7.28 -14.72 1.28
C HIS A 54 -8.49 -14.45 0.41
N LEU A 55 -8.68 -13.17 0.09
CA LEU A 55 -9.80 -12.77 -0.76
C LEU A 55 -9.62 -13.43 -2.14
N VAL A 56 -8.38 -13.44 -2.61
CA VAL A 56 -8.04 -14.18 -3.81
C VAL A 56 -6.81 -15.04 -3.48
N PRO A 57 -6.44 -15.96 -4.38
CA PRO A 57 -5.26 -16.77 -4.15
C PRO A 57 -3.98 -15.91 -4.06
N LEU A 58 -3.31 -15.97 -2.92
CA LEU A 58 -2.04 -15.24 -2.71
C LEU A 58 -1.37 -15.77 -1.43
N GLU A 59 -0.18 -15.27 -1.13
CA GLU A 59 0.53 -15.69 0.07
C GLU A 59 0.47 -14.61 1.14
N ASN A 60 0.75 -14.94 2.39
CA ASN A 60 0.94 -13.90 3.38
C ASN A 60 2.10 -12.99 2.99
N PHE A 61 1.99 -11.76 3.46
CA PHE A 61 2.92 -10.72 3.17
C PHE A 61 4.25 -11.15 3.72
N GLN A 62 5.30 -10.94 2.94
CA GLN A 62 6.65 -11.16 3.38
C GLN A 62 7.39 -9.82 3.52
N SER A 63 7.77 -9.21 2.42
CA SER A 63 8.54 -7.96 2.49
C SER A 63 8.29 -7.15 1.23
N GLY A 64 8.98 -6.04 1.07
CA GLY A 64 9.01 -5.36 -0.21
C GLY A 64 8.11 -4.16 -0.36
N ILE A 65 7.63 -3.58 0.74
CA ILE A 65 6.92 -2.31 0.60
C ILE A 65 7.35 -1.30 1.64
N ILE A 66 7.12 -0.03 1.34
CA ILE A 66 7.23 1.06 2.31
C ILE A 66 5.92 1.83 2.26
N ILE A 67 5.34 2.00 3.44
CA ILE A 67 4.08 2.71 3.62
C ILE A 67 4.48 4.08 4.17
N HIS A 68 4.31 5.12 3.35
CA HIS A 68 4.70 6.49 3.73
C HIS A 68 3.52 7.24 4.32
N ILE A 69 3.75 7.82 5.49
CA ILE A 69 2.72 8.57 6.18
C ILE A 69 3.18 10.01 6.38
N GLU A 70 2.49 10.94 5.74
CA GLU A 70 2.82 12.34 5.91
C GLU A 70 2.33 12.86 7.28
N VAL A 71 3.25 13.46 8.02
CA VAL A 71 2.98 13.93 9.38
C VAL A 71 3.42 15.40 9.53
N GLU A 72 2.94 16.07 10.58
CA GLU A 72 3.36 17.44 10.87
C GLU A 72 4.73 17.52 11.54
N ASP A 73 5.04 16.57 12.42
CA ASP A 73 6.28 16.60 13.20
C ASP A 73 6.96 15.24 13.21
N VAL A 74 8.01 15.10 12.40
CA VAL A 74 8.75 13.86 12.25
C VAL A 74 9.56 13.52 13.51
N ASP A 75 10.16 14.54 14.09
CA ASP A 75 11.01 14.41 15.27
C ASP A 75 10.24 14.05 16.52
N GLN A 76 9.05 14.61 16.69
CA GLN A 76 8.17 14.15 17.76
C GLN A 76 7.77 12.64 17.64
N ASN A 77 7.44 12.18 16.42
CA ASN A 77 7.20 10.75 16.19
C ASN A 77 8.42 9.93 16.53
N TYR A 78 9.58 10.44 16.13
CA TYR A 78 10.86 9.81 16.47
C TYR A 78 11.03 9.55 17.95
N LYS A 79 10.88 10.59 18.74
CA LYS A 79 11.00 10.50 20.19
C LYS A 79 10.02 9.46 20.75
N ARG A 80 8.78 9.55 20.29
CA ARG A 80 7.72 8.65 20.72
C ARG A 80 8.13 7.20 20.46
N LEU A 81 8.58 6.95 19.24
CA LEU A 81 8.95 5.61 18.82
C LEU A 81 10.18 5.07 19.54
N ASN A 82 11.16 5.92 19.82
CA ASN A 82 12.39 5.53 20.54
C ASN A 82 12.06 5.12 21.95
N GLU A 83 11.19 5.89 22.62
CA GLU A 83 10.73 5.55 23.96
C GLU A 83 10.00 4.22 23.96
N LEU A 84 9.31 3.88 22.86
CA LEU A 84 8.61 2.60 22.74
C LEU A 84 9.51 1.40 22.48
N GLY A 85 10.74 1.64 22.00
CA GLY A 85 11.61 0.53 21.67
C GLY A 85 11.40 -0.04 20.27
N ILE A 86 10.74 0.73 19.41
CA ILE A 86 10.59 0.34 18.01
C ILE A 86 11.89 0.43 17.20
N LYS A 87 12.16 -0.55 16.32
CA LYS A 87 13.35 -0.53 15.49
C LYS A 87 13.28 0.63 14.49
N VAL A 88 14.21 1.57 14.65
CA VAL A 88 14.35 2.67 13.73
C VAL A 88 15.38 2.27 12.69
N LEU A 89 14.96 2.23 11.43
CA LEU A 89 15.81 1.82 10.33
C LEU A 89 16.66 2.96 9.76
N HIS A 90 16.16 4.21 9.81
CA HIS A 90 16.89 5.38 9.35
C HIS A 90 16.29 6.54 10.16
N GLY A 91 17.13 7.19 10.99
CA GLY A 91 16.73 8.23 11.99
C GLY A 91 16.30 9.42 11.18
N PRO A 92 15.77 10.50 11.82
CA PRO A 92 15.31 11.54 10.89
C PRO A 92 16.45 12.08 10.01
N THR A 93 16.18 12.20 8.72
CA THR A 93 17.11 12.81 7.81
C THR A 93 16.31 13.66 6.83
N VAL A 94 16.99 14.57 6.13
CA VAL A 94 16.31 15.49 5.25
C VAL A 94 16.99 15.51 3.89
N THR A 95 16.21 15.71 2.83
CA THR A 95 16.79 15.89 1.53
C THR A 95 17.08 17.38 1.33
N ASP A 96 17.94 17.68 0.37
CA ASP A 96 18.20 19.07 0.04
C ASP A 96 16.93 19.86 -0.31
N TRP A 97 15.82 19.18 -0.62
CA TRP A 97 14.56 19.88 -0.90
C TRP A 97 13.64 19.94 0.29
N GLY A 98 14.15 19.60 1.47
CA GLY A 98 13.37 19.74 2.70
C GLY A 98 12.45 18.58 3.05
N THR A 99 12.69 17.42 2.45
CA THR A 99 11.86 16.27 2.77
C THR A 99 12.49 15.55 3.92
N GLU A 100 11.88 15.66 5.08
CA GLU A 100 12.43 15.00 6.26
C GLU A 100 11.70 13.66 6.42
N SER A 101 12.45 12.59 6.68
CA SER A 101 11.83 11.29 6.89
C SER A 101 12.46 10.47 8.00
N LEU A 102 11.72 9.47 8.41
CA LEU A 102 12.04 8.57 9.51
C LEU A 102 11.48 7.22 9.08
N LEU A 103 12.36 6.25 8.93
CA LEU A 103 12.00 4.90 8.52
C LEU A 103 12.01 3.94 9.69
N VAL A 104 10.89 3.25 9.90
CA VAL A 104 10.78 2.36 11.06
C VAL A 104 10.35 0.95 10.66
N GLN A 105 10.81 -0.04 11.41
CA GLN A 105 10.46 -1.42 11.12
C GLN A 105 9.08 -1.62 11.69
N GLY A 106 8.11 -1.96 10.84
CA GLY A 106 6.77 -2.29 11.36
C GLY A 106 6.65 -3.80 11.56
N PRO A 107 5.50 -4.29 12.09
CA PRO A 107 5.37 -5.76 12.29
C PRO A 107 5.22 -6.50 10.98
N ALA A 108 5.52 -7.81 10.96
CA ALA A 108 5.22 -8.65 9.78
C ALA A 108 5.93 -8.27 8.50
N GLY A 109 7.15 -7.74 8.64
CA GLY A 109 7.91 -7.34 7.45
C GLY A 109 7.60 -5.93 6.97
N LEU A 110 6.58 -5.25 7.55
CA LEU A 110 6.19 -3.91 7.04
C LEU A 110 7.24 -2.91 7.44
N VAL A 111 7.44 -1.91 6.59
CA VAL A 111 8.34 -0.78 6.83
C VAL A 111 7.51 0.50 6.67
N LEU A 112 7.65 1.41 7.61
CA LEU A 112 6.84 2.63 7.61
C LEU A 112 7.78 3.82 7.51
N ASP A 113 7.35 4.83 6.76
CA ASP A 113 8.05 6.11 6.72
C ASP A 113 7.13 7.19 7.24
N PHE A 114 7.52 7.85 8.32
CA PHE A 114 6.87 9.08 8.77
C PHE A 114 7.66 10.27 8.18
N TYR A 115 7.04 11.05 7.31
CA TYR A 115 7.76 12.09 6.57
C TYR A 115 6.98 13.41 6.48
N ARG A 116 7.71 14.48 6.17
CA ARG A 116 7.11 15.79 5.85
C ARG A 116 7.91 16.50 4.78
N MSE A 117 7.26 17.39 4.06
CA MSE A 117 7.92 18.07 2.94
C MSE A 117 8.02 19.61 3.13
O MSE A 117 7.29 20.16 3.93
CB MSE A 117 7.21 17.69 1.65
CG MSE A 117 7.27 16.18 1.38
SE MSE A 117 6.44 15.66 -0.32
CE MSE A 117 4.56 15.72 0.23
N LYS A 118 8.96 20.26 2.41
CA LYS A 118 9.02 21.74 2.26
C LYS A 118 7.70 22.35 2.62
N MSE B 4 -1.83 12.82 10.63
CA MSE B 4 -1.24 11.72 9.78
C MSE B 4 -1.98 11.45 8.47
O MSE B 4 -3.20 11.39 8.45
CB MSE B 4 -1.18 10.41 10.56
CG MSE B 4 0.03 10.21 11.48
SE MSE B 4 -0.11 8.44 12.35
CE MSE B 4 -2.03 8.53 12.73
N ASN B 5 -1.23 11.22 7.39
CA ASN B 5 -1.86 10.93 6.10
C ASN B 5 -1.09 9.90 5.28
N LEU B 6 -1.68 8.71 5.15
CA LEU B 6 -1.10 7.68 4.32
C LEU B 6 -1.32 8.03 2.80
N ASN B 7 -0.27 8.47 2.10
CA ASN B 7 -0.39 8.99 0.72
C ASN B 7 0.67 8.50 -0.31
N GLN B 8 1.57 7.63 0.10
CA GLN B 8 2.49 7.07 -0.88
C GLN B 8 2.80 5.63 -0.50
N LEU B 9 2.72 4.74 -1.48
CA LEU B 9 3.09 3.36 -1.26
C LEU B 9 4.19 3.00 -2.21
N ASP B 10 5.30 2.42 -1.70
CA ASP B 10 6.38 1.97 -2.57
C ASP B 10 6.32 0.47 -2.69
N ILE B 11 6.41 -0.02 -3.93
CA ILE B 11 6.67 -1.46 -4.14
C ILE B 11 8.11 -1.68 -4.61
N ILE B 12 8.84 -2.51 -3.86
CA ILE B 12 10.22 -2.83 -4.23
C ILE B 12 10.22 -4.02 -5.18
N VAL B 13 10.59 -3.76 -6.42
CA VAL B 13 10.64 -4.78 -7.50
C VAL B 13 11.98 -4.73 -8.25
N SER B 14 12.29 -5.83 -8.93
CA SER B 14 13.49 -5.99 -9.72
C SER B 14 13.55 -5.37 -11.14
N ASN B 15 12.43 -5.31 -11.87
CA ASN B 15 12.47 -4.84 -13.29
C ASN B 15 11.47 -3.70 -13.45
N VAL B 16 11.84 -2.56 -12.89
CA VAL B 16 10.97 -1.42 -12.85
C VAL B 16 10.34 -1.11 -14.22
N PRO B 17 11.15 -0.99 -15.31
CA PRO B 17 10.51 -0.61 -16.56
C PRO B 17 9.35 -1.54 -17.00
N GLN B 18 9.50 -2.84 -16.80
CA GLN B 18 8.50 -3.78 -17.25
C GLN B 18 7.31 -3.82 -16.28
N VAL B 19 7.59 -3.77 -14.96
CA VAL B 19 6.51 -3.67 -13.96
C VAL B 19 5.74 -2.37 -14.23
N CYS B 20 6.46 -1.28 -14.47
CA CYS B 20 5.82 -0.01 -14.79
C CYS B 20 4.91 -0.11 -16.00
N ALA B 21 5.40 -0.72 -17.09
CA ALA B 21 4.67 -0.81 -18.33
C ALA B 21 3.40 -1.66 -18.11
N ASP B 22 3.56 -2.78 -17.41
CA ASP B 22 2.45 -3.63 -17.06
C ASP B 22 1.39 -2.86 -16.24
N LEU B 23 1.83 -2.08 -15.23
CA LEU B 23 0.92 -1.22 -14.46
C LEU B 23 0.22 -0.12 -15.24
N GLU B 24 0.95 0.57 -16.12
CA GLU B 24 0.35 1.55 -17.04
C GLU B 24 -0.81 0.98 -17.84
N HIS B 25 -0.70 -0.28 -18.30
CA HIS B 25 -1.81 -0.92 -19.02
C HIS B 25 -3.02 -1.24 -18.12
N ILE B 26 -2.74 -1.84 -16.96
CA ILE B 26 -3.79 -2.13 -16.01
C ILE B 26 -4.54 -0.89 -15.56
N LEU B 27 -3.83 0.19 -15.28
CA LEU B 27 -4.40 1.42 -14.74
C LEU B 27 -4.92 2.29 -15.85
N ASP B 28 -4.54 1.97 -17.08
CA ASP B 28 -4.88 2.77 -18.24
C ASP B 28 -4.45 4.19 -17.98
N LYS B 29 -3.27 4.33 -17.36
CA LYS B 29 -2.60 5.62 -17.23
C LYS B 29 -1.09 5.47 -17.11
N LYS B 30 -0.41 6.46 -17.65
CA LYS B 30 1.03 6.50 -17.71
C LYS B 30 1.63 6.91 -16.38
N ALA B 31 2.80 6.36 -16.07
CA ALA B 31 3.60 6.87 -14.98
C ALA B 31 3.77 8.40 -15.18
N ASP B 32 3.70 9.17 -14.08
CA ASP B 32 4.12 10.58 -14.06
C ASP B 32 5.56 10.71 -14.48
N TYR B 33 6.36 9.79 -14.00
CA TYR B 33 7.78 9.77 -14.25
C TYR B 33 8.37 8.36 -13.98
N ALA B 34 9.39 7.99 -14.74
CA ALA B 34 9.96 6.66 -14.66
C ALA B 34 11.37 6.72 -15.17
N ASN B 35 12.28 6.07 -14.47
CA ASN B 35 13.59 5.81 -15.02
C ASN B 35 13.87 4.32 -14.80
N ASP B 36 15.11 3.90 -15.03
CA ASP B 36 15.42 2.48 -14.98
C ASP B 36 15.25 1.82 -13.61
N GLY B 37 15.18 2.62 -12.55
CA GLY B 37 15.06 2.07 -11.19
C GLY B 37 13.92 2.64 -10.34
N PHE B 38 13.04 3.40 -10.98
CA PHE B 38 12.04 4.12 -10.23
C PHE B 38 10.91 4.48 -11.16
N ALA B 39 9.68 4.41 -10.65
CA ALA B 39 8.53 4.97 -11.39
C ALA B 39 7.52 5.53 -10.41
N GLN B 40 6.80 6.58 -10.83
CA GLN B 40 5.78 7.21 -10.03
C GLN B 40 4.48 7.26 -10.75
N PHE B 41 3.44 6.77 -10.09
CA PHE B 41 2.05 6.92 -10.46
C PHE B 41 1.37 7.83 -9.48
N THR B 42 0.46 8.66 -9.99
CA THR B 42 -0.49 9.34 -9.13
C THR B 42 -1.84 8.66 -9.40
N ILE B 43 -2.50 8.23 -8.34
CA ILE B 43 -3.79 7.56 -8.47
C ILE B 43 -4.80 8.31 -7.61
N GLY B 44 -5.22 9.45 -8.13
CA GLY B 44 -6.11 10.37 -7.42
C GLY B 44 -5.28 11.21 -6.48
N SER B 45 -5.46 10.97 -5.18
CA SER B 45 -4.81 11.77 -4.14
C SER B 45 -3.72 10.96 -3.42
N HIS B 46 -3.32 9.85 -4.02
CA HIS B 46 -2.31 9.00 -3.43
C HIS B 46 -1.33 8.52 -4.49
N CYS B 47 -0.08 8.33 -4.10
CA CYS B 47 0.94 7.95 -5.09
C CYS B 47 1.35 6.49 -4.90
N LEU B 48 1.81 5.88 -5.99
CA LEU B 48 2.30 4.52 -5.99
C LEU B 48 3.62 4.54 -6.72
N MSE B 49 4.69 4.22 -5.99
CA MSE B 49 6.01 4.13 -6.56
C MSE B 49 6.40 2.66 -6.74
O MSE B 49 5.98 1.78 -5.96
CB MSE B 49 7.07 4.80 -5.66
CG MSE B 49 7.21 6.33 -5.78
SE MSE B 49 5.57 7.38 -5.84
CE MSE B 49 4.53 6.49 -4.49
N LEU B 50 7.21 2.45 -7.78
CA LEU B 50 7.99 1.24 -7.98
C LEU B 50 9.45 1.60 -7.73
N SER B 51 10.16 0.79 -7.00
CA SER B 51 11.52 1.13 -6.76
C SER B 51 12.41 -0.09 -6.81
N GLN B 52 13.58 0.06 -7.43
CA GLN B 52 14.53 -1.03 -7.50
C GLN B 52 15.37 -0.99 -6.23
N ASN B 53 15.77 0.24 -5.88
CA ASN B 53 16.62 0.49 -4.73
C ASN B 53 15.94 0.15 -3.42
N HIS B 54 16.74 -0.30 -2.47
CA HIS B 54 16.32 -0.58 -1.11
C HIS B 54 16.73 0.58 -0.21
N LEU B 55 15.82 1.55 -0.08
CA LEU B 55 15.99 2.70 0.82
C LEU B 55 16.47 2.27 2.20
N VAL B 56 15.93 1.15 2.69
CA VAL B 56 16.41 0.45 3.88
C VAL B 56 16.51 -1.05 3.53
N PRO B 57 16.96 -1.90 4.47
CA PRO B 57 17.02 -3.33 4.10
C PRO B 57 15.64 -4.01 4.10
N LEU B 58 15.42 -4.86 3.09
CA LEU B 58 14.18 -5.63 2.85
C LEU B 58 14.32 -6.46 1.56
N GLU B 59 13.44 -7.46 1.36
CA GLU B 59 13.37 -8.30 0.13
C GLU B 59 12.52 -7.57 -0.94
N ASN B 60 12.75 -7.82 -2.23
CA ASN B 60 11.78 -7.42 -3.22
C ASN B 60 10.35 -7.88 -2.82
N PHE B 61 9.35 -7.08 -3.18
CA PHE B 61 7.98 -7.48 -2.94
C PHE B 61 7.72 -8.90 -3.47
N GLN B 62 7.00 -9.72 -2.69
CA GLN B 62 6.55 -11.03 -3.23
C GLN B 62 5.01 -11.17 -3.44
N SER B 63 4.28 -11.19 -2.34
CA SER B 63 2.84 -11.34 -2.34
C SER B 63 2.28 -10.70 -1.08
N GLY B 64 0.95 -10.74 -0.95
CA GLY B 64 0.29 -10.49 0.31
C GLY B 64 -0.26 -9.11 0.54
N ILE B 65 -0.53 -8.37 -0.53
CA ILE B 65 -1.27 -7.09 -0.46
C ILE B 65 -2.36 -7.03 -1.55
N ILE B 66 -3.41 -6.29 -1.26
CA ILE B 66 -4.37 -5.87 -2.27
C ILE B 66 -4.42 -4.35 -2.27
N ILE B 67 -4.21 -3.75 -3.44
CA ILE B 67 -4.27 -2.29 -3.60
C ILE B 67 -5.67 -2.02 -4.13
N HIS B 68 -6.47 -1.20 -3.43
CA HIS B 68 -7.85 -0.95 -3.82
C HIS B 68 -7.98 0.43 -4.40
N ILE B 69 -8.53 0.48 -5.61
CA ILE B 69 -8.69 1.71 -6.38
C ILE B 69 -10.15 2.00 -6.61
N GLU B 70 -10.65 3.06 -5.97
CA GLU B 70 -12.08 3.39 -6.07
C GLU B 70 -12.36 4.10 -7.41
N VAL B 71 -13.37 3.60 -8.10
CA VAL B 71 -13.65 4.00 -9.47
C VAL B 71 -15.14 4.25 -9.65
N GLU B 72 -15.47 5.16 -10.57
CA GLU B 72 -16.87 5.43 -10.96
C GLU B 72 -17.56 4.27 -11.67
N ASP B 73 -16.81 3.56 -12.53
CA ASP B 73 -17.40 2.47 -13.31
C ASP B 73 -16.49 1.25 -13.32
N VAL B 74 -16.85 0.26 -12.48
CA VAL B 74 -16.18 -1.01 -12.37
C VAL B 74 -16.38 -1.88 -13.65
N ASP B 75 -17.61 -1.92 -14.19
CA ASP B 75 -17.87 -2.85 -15.29
C ASP B 75 -17.15 -2.46 -16.58
N GLN B 76 -17.01 -1.16 -16.82
CA GLN B 76 -16.19 -0.62 -17.88
C GLN B 76 -14.72 -1.08 -17.74
N ASN B 77 -14.13 -0.84 -16.55
CA ASN B 77 -12.77 -1.30 -16.28
C ASN B 77 -12.66 -2.77 -16.55
N TYR B 78 -13.71 -3.52 -16.23
CA TYR B 78 -13.75 -4.94 -16.50
C TYR B 78 -13.62 -5.29 -18.00
N LYS B 79 -14.41 -4.62 -18.85
CA LYS B 79 -14.36 -4.92 -20.29
C LYS B 79 -12.97 -4.57 -20.85
N ARG B 80 -12.48 -3.36 -20.55
CA ARG B 80 -11.09 -2.93 -20.83
C ARG B 80 -10.03 -3.98 -20.40
N LEU B 81 -10.09 -4.44 -19.16
CA LEU B 81 -9.14 -5.48 -18.69
C LEU B 81 -9.29 -6.85 -19.38
N ASN B 82 -10.53 -7.32 -19.59
CA ASN B 82 -10.79 -8.52 -20.41
C ASN B 82 -10.21 -8.43 -21.83
N GLU B 83 -10.38 -7.27 -22.44
CA GLU B 83 -9.86 -6.98 -23.76
C GLU B 83 -8.32 -7.07 -23.75
N LEU B 84 -7.68 -6.32 -22.84
CA LEU B 84 -6.23 -6.43 -22.64
C LEU B 84 -5.71 -7.84 -22.34
N GLY B 85 -6.58 -8.73 -21.91
CA GLY B 85 -6.18 -10.10 -21.59
C GLY B 85 -5.60 -10.25 -20.21
N ILE B 86 -5.78 -9.22 -19.39
CA ILE B 86 -5.33 -9.26 -17.99
C ILE B 86 -6.11 -10.29 -17.13
N LYS B 87 -5.40 -11.08 -16.33
CA LYS B 87 -6.07 -12.10 -15.50
C LYS B 87 -6.98 -11.47 -14.41
N VAL B 88 -8.27 -11.82 -14.48
CA VAL B 88 -9.28 -11.33 -13.56
C VAL B 88 -9.41 -12.42 -12.52
N LEU B 89 -9.31 -12.05 -11.25
CA LEU B 89 -9.37 -13.05 -10.18
C LEU B 89 -10.80 -13.30 -9.72
N HIS B 90 -11.63 -12.25 -9.76
CA HIS B 90 -13.06 -12.29 -9.40
C HIS B 90 -13.73 -11.24 -10.22
N GLY B 91 -14.57 -11.66 -11.18
CA GLY B 91 -15.32 -10.79 -12.13
C GLY B 91 -16.12 -9.81 -11.30
N PRO B 92 -16.84 -8.86 -11.92
CA PRO B 92 -17.51 -7.89 -11.02
C PRO B 92 -18.55 -8.60 -10.14
N THR B 93 -18.43 -8.37 -8.84
CA THR B 93 -19.40 -8.84 -7.85
C THR B 93 -19.76 -7.64 -6.97
N VAL B 94 -20.79 -7.81 -6.16
CA VAL B 94 -21.36 -6.74 -5.35
C VAL B 94 -21.78 -7.28 -3.98
N THR B 95 -21.53 -6.52 -2.94
CA THR B 95 -21.99 -6.95 -1.62
C THR B 95 -23.44 -6.50 -1.41
N ASP B 96 -24.09 -7.00 -0.36
CA ASP B 96 -25.45 -6.54 -0.14
C ASP B 96 -25.58 -5.04 0.19
N TRP B 97 -24.46 -4.42 0.55
CA TRP B 97 -24.47 -3.00 0.87
C TRP B 97 -24.05 -2.14 -0.31
N GLY B 98 -23.99 -2.75 -1.50
CA GLY B 98 -23.72 -2.02 -2.75
C GLY B 98 -22.25 -1.84 -3.15
N THR B 99 -21.34 -2.57 -2.53
CA THR B 99 -19.89 -2.37 -2.83
C THR B 99 -19.51 -3.30 -3.96
N GLU B 100 -19.34 -2.74 -5.15
CA GLU B 100 -19.05 -3.53 -6.34
C GLU B 100 -17.54 -3.57 -6.52
N SER B 101 -17.01 -4.77 -6.67
CA SER B 101 -15.57 -4.91 -6.84
C SER B 101 -15.12 -5.86 -7.97
N LEU B 102 -13.89 -5.63 -8.42
CA LEU B 102 -13.23 -6.41 -9.47
C LEU B 102 -11.75 -6.60 -9.08
N LEU B 103 -11.39 -7.84 -8.82
CA LEU B 103 -10.04 -8.23 -8.42
C LEU B 103 -9.26 -8.74 -9.60
N VAL B 104 -8.06 -8.18 -9.78
CA VAL B 104 -7.23 -8.52 -10.92
C VAL B 104 -5.79 -8.85 -10.49
N GLN B 105 -5.20 -9.80 -11.22
CA GLN B 105 -3.78 -10.09 -11.06
C GLN B 105 -2.97 -8.92 -11.64
N GLY B 106 -2.15 -8.26 -10.81
CA GLY B 106 -1.21 -7.29 -11.38
C GLY B 106 0.16 -7.91 -11.54
N PRO B 107 1.16 -7.09 -11.97
CA PRO B 107 2.52 -7.65 -12.16
C PRO B 107 3.19 -7.87 -10.83
N ALA B 108 4.23 -8.72 -10.80
CA ALA B 108 5.13 -8.82 -9.66
C ALA B 108 4.42 -9.27 -8.37
N GLY B 109 3.36 -10.06 -8.52
CA GLY B 109 2.62 -10.64 -7.39
C GLY B 109 1.56 -9.69 -6.86
N LEU B 110 1.43 -8.51 -7.46
CA LEU B 110 0.47 -7.50 -6.99
C LEU B 110 -0.94 -7.91 -7.34
N VAL B 111 -1.87 -7.56 -6.45
CA VAL B 111 -3.30 -7.78 -6.68
C VAL B 111 -3.99 -6.40 -6.59
N LEU B 112 -4.80 -6.07 -7.59
CA LEU B 112 -5.52 -4.82 -7.54
C LEU B 112 -7.03 -5.06 -7.44
N ASP B 113 -7.73 -4.13 -6.82
CA ASP B 113 -9.18 -4.20 -6.76
C ASP B 113 -9.67 -2.86 -7.29
N PHE B 114 -10.46 -2.85 -8.37
CA PHE B 114 -11.15 -1.64 -8.78
C PHE B 114 -12.56 -1.77 -8.22
N TYR B 115 -13.01 -0.80 -7.41
CA TYR B 115 -14.24 -0.98 -6.65
C TYR B 115 -15.08 0.31 -6.58
N ARG B 116 -16.38 0.14 -6.39
CA ARG B 116 -17.31 1.27 -6.25
C ARG B 116 -18.24 0.93 -5.07
N MSE B 117 -18.51 1.92 -4.23
CA MSE B 117 -19.42 1.69 -3.10
C MSE B 117 -20.81 2.28 -3.32
O MSE B 117 -20.99 3.14 -4.18
CB MSE B 117 -18.78 2.22 -1.82
CG MSE B 117 -17.45 1.56 -1.52
SE MSE B 117 -16.69 2.17 0.18
CE MSE B 117 -17.83 1.13 1.39
N LYS B 118 -21.80 1.84 -2.53
CA LYS B 118 -23.18 2.32 -2.72
C LYS B 118 -23.24 3.83 -2.68
#